data_3JR7
#
_entry.id   3JR7
#
_cell.length_a   96.899
_cell.length_b   96.899
_cell.length_c   159.921
_cell.angle_alpha   90.00
_cell.angle_beta   90.00
_cell.angle_gamma   120.00
#
_symmetry.space_group_name_H-M   'P 31 2 1'
#
loop_
_entity.id
_entity.type
_entity.pdbx_description
1 polymer 'uncharacterized egV family protein COG1307'
2 non-polymer 1-(2-METHOXY-ETHOXY)-2-{2-[2-(2-METHOXY-ETHOXY]-ETHOXY}-ETHANE
3 non-polymer 'PHOSPHATE ION'
4 non-polymer 'SODIUM ION'
5 water water
#
_entity_poly.entity_id   1
_entity_poly.type   'polypeptide(L)'
_entity_poly.pdbx_seq_one_letter_code
;(MSE)KTTYNRWWKKKVWFGRKD(MSE)SYKVIVDSCGEFTPE(MSE)KADGGFEHVALGIQIEDTQWTDDDSLKQEELL
LKIAESTSCAKTSCPSPERY(MSE)ESYHCDAERIYVVTLSAELSGSYNSAVLGKNLYEEEYGEKQIHVFNSRSASVGET
LIALKVQQCEKAG(MSE)TFEEVVESVECYIEEQHTYFVLENLDTLRKNGRLTGIKSLVAGALNIKPI(MSE)GSTPQGT
ICQKEKARG(MSE)KKALVK(MSE)ADCVAADVVNAGDKILAIAHCNCEERAKEVQRLLKERFAVKSSFIVDTSGISTVY
ANDGGIIVVV
;
_entity_poly.pdbx_strand_id   A,B
#
# COMPACT_ATOMS: atom_id res chain seq x y z
N LYS A 18 23.64 -3.07 24.27
CA LYS A 18 23.08 -2.24 23.18
C LYS A 18 22.64 -3.14 22.03
N ASP A 19 21.38 -2.99 21.62
CA ASP A 19 20.71 -3.88 20.68
C ASP A 19 20.66 -3.33 19.27
N SER A 21 20.83 -5.90 17.19
CA SER A 21 20.84 -7.30 16.74
C SER A 21 19.95 -7.43 15.51
N TYR A 22 20.40 -6.91 14.38
CA TYR A 22 19.65 -7.04 13.12
C TYR A 22 20.58 -7.21 11.93
N LYS A 23 20.08 -7.79 10.85
CA LYS A 23 20.80 -7.81 9.59
C LYS A 23 19.83 -7.43 8.46
N VAL A 24 20.33 -6.69 7.46
CA VAL A 24 19.58 -6.35 6.24
C VAL A 24 20.17 -7.07 5.06
N ILE A 25 19.41 -8.03 4.54
CA ILE A 25 19.81 -8.82 3.39
C ILE A 25 19.14 -8.19 2.16
N VAL A 26 19.89 -7.96 1.12
CA VAL A 26 19.43 -7.34 -0.10
C VAL A 26 19.85 -8.20 -1.27
N ASP A 27 18.96 -8.50 -2.22
CA ASP A 27 19.43 -9.23 -3.38
C ASP A 27 20.37 -8.33 -4.18
N SER A 28 21.17 -8.95 -5.05
CA SER A 28 22.37 -8.26 -5.57
C SER A 28 22.00 -7.11 -6.53
N CYS A 29 20.76 -7.08 -6.97
CA CYS A 29 20.30 -5.96 -7.82
C CYS A 29 20.43 -4.65 -7.08
N GLY A 30 20.18 -4.67 -5.78
CA GLY A 30 20.21 -3.47 -4.98
C GLY A 30 21.62 -3.04 -4.69
N GLU A 31 22.04 -1.88 -5.18
CA GLU A 31 23.43 -1.43 -5.02
C GLU A 31 23.73 -1.06 -3.58
N PHE A 32 24.97 -1.27 -3.11
CA PHE A 32 25.42 -0.70 -1.81
C PHE A 32 26.35 0.47 -2.05
N THR A 33 26.18 1.54 -1.29
CA THR A 33 27.14 2.62 -1.26
C THR A 33 28.38 2.18 -0.49
N PRO A 34 29.50 2.93 -0.62
CA PRO A 34 30.71 2.61 0.17
C PRO A 34 30.41 2.50 1.66
N GLU A 35 29.61 3.43 2.14
CA GLU A 35 29.33 3.52 3.54
C GLU A 35 28.52 2.28 3.99
N LYS A 37 28.72 -0.70 2.46
CA LYS A 37 29.73 -1.75 2.50
C LYS A 37 30.58 -1.68 3.78
N ALA A 38 30.95 -0.48 4.23
CA ALA A 38 31.76 -0.27 5.41
C ALA A 38 30.98 -0.56 6.71
N ASP A 39 29.65 -0.53 6.64
CA ASP A 39 28.83 -0.67 7.83
C ASP A 39 28.82 -2.04 8.44
N GLY A 40 28.56 -3.08 7.65
CA GLY A 40 28.52 -4.47 8.17
C GLY A 40 27.13 -5.08 8.43
N GLY A 41 26.14 -4.23 8.71
CA GLY A 41 24.79 -4.74 8.83
C GLY A 41 24.09 -5.08 7.50
N PHE A 42 24.72 -4.81 6.35
CA PHE A 42 24.11 -5.15 5.04
C PHE A 42 24.80 -6.31 4.38
N GLU A 43 24.03 -7.22 3.81
CA GLU A 43 24.57 -8.40 3.15
C GLU A 43 23.84 -8.65 1.86
N HIS A 44 24.57 -8.99 0.81
CA HIS A 44 23.95 -9.30 -0.47
C HIS A 44 23.71 -10.81 -0.55
N VAL A 45 22.65 -11.18 -1.24
CA VAL A 45 22.40 -12.52 -1.77
C VAL A 45 22.41 -12.40 -3.28
N ALA A 46 23.33 -13.11 -3.92
CA ALA A 46 23.64 -12.92 -5.34
C ALA A 46 22.66 -13.60 -6.26
N LEU A 47 22.28 -12.88 -7.31
CA LEU A 47 21.61 -13.49 -8.45
C LEU A 47 22.63 -14.07 -9.43
N GLY A 48 22.14 -14.84 -10.38
CA GLY A 48 22.98 -15.38 -11.48
C GLY A 48 22.82 -14.61 -12.77
N ILE A 49 23.87 -14.57 -13.59
CA ILE A 49 23.79 -13.96 -14.93
C ILE A 49 24.35 -14.97 -15.90
N GLN A 50 23.64 -15.17 -16.99
CA GLN A 50 24.00 -16.12 -18.03
C GLN A 50 24.03 -15.45 -19.42
N ILE A 51 25.21 -15.44 -20.04
CA ILE A 51 25.41 -14.86 -21.37
C ILE A 51 26.21 -15.87 -22.20
N GLU A 52 25.59 -16.43 -23.22
CA GLU A 52 26.22 -17.49 -24.03
C GLU A 52 26.61 -18.65 -23.11
N ASP A 53 27.90 -18.97 -22.95
CA ASP A 53 28.30 -20.13 -22.11
C ASP A 53 28.93 -19.71 -20.82
N THR A 54 28.87 -18.40 -20.57
CA THR A 54 29.38 -17.87 -19.37
C THR A 54 28.20 -17.81 -18.38
N GLN A 55 28.48 -18.23 -17.18
CA GLN A 55 27.53 -18.22 -16.11
C GLN A 55 28.30 -17.54 -15.05
N TRP A 56 27.79 -16.40 -14.58
CA TRP A 56 28.44 -15.64 -13.54
C TRP A 56 27.49 -15.42 -12.34
N THR A 57 28.08 -15.11 -11.20
CA THR A 57 27.38 -14.71 -10.02
C THR A 57 27.51 -13.19 -9.95
N ASP A 58 26.37 -12.53 -9.71
CA ASP A 58 26.36 -11.09 -9.58
C ASP A 58 26.90 -10.73 -8.23
N ASP A 59 28.22 -10.58 -8.17
CA ASP A 59 28.85 -10.20 -6.94
C ASP A 59 30.05 -9.29 -7.22
N ASP A 60 30.78 -8.97 -6.16
CA ASP A 60 31.79 -7.90 -6.18
C ASP A 60 33.00 -8.30 -6.98
N SER A 61 33.08 -9.57 -7.33
CA SER A 61 34.18 -10.04 -8.15
C SER A 61 33.90 -9.79 -9.64
N LEU A 62 32.67 -9.48 -10.02
CA LEU A 62 32.36 -9.27 -11.44
C LEU A 62 32.44 -7.79 -11.77
N LYS A 63 33.44 -7.42 -12.56
CA LYS A 63 33.63 -5.99 -12.92
C LYS A 63 32.68 -5.59 -13.99
N GLN A 64 32.10 -4.39 -13.84
CA GLN A 64 31.12 -3.87 -14.79
C GLN A 64 31.67 -3.90 -16.22
N GLU A 65 32.94 -3.52 -16.37
CA GLU A 65 33.50 -3.37 -17.72
C GLU A 65 33.49 -4.74 -18.39
N GLU A 66 33.94 -5.76 -17.67
CA GLU A 66 33.91 -7.12 -18.25
C GLU A 66 32.49 -7.54 -18.63
N LEU A 67 31.54 -7.18 -17.79
CA LEU A 67 30.17 -7.56 -18.09
C LEU A 67 29.64 -6.81 -19.30
N LEU A 68 29.87 -5.50 -19.37
CA LEU A 68 29.41 -4.72 -20.52
C LEU A 68 30.04 -5.22 -21.82
N LEU A 69 31.31 -5.59 -21.76
CA LEU A 69 32.00 -6.09 -22.98
C LEU A 69 31.43 -7.45 -23.41
N LYS A 70 31.15 -8.32 -22.44
CA LYS A 70 30.50 -9.58 -22.78
C LYS A 70 29.12 -9.37 -23.40
N ILE A 71 28.33 -8.47 -22.81
CA ILE A 71 27.03 -8.11 -23.41
C ILE A 71 27.19 -7.59 -24.84
N ALA A 72 28.17 -6.71 -25.03
CA ALA A 72 28.34 -6.07 -26.35
C ALA A 72 28.75 -7.13 -27.40
N GLU A 73 29.57 -8.08 -26.99
CA GLU A 73 30.04 -9.16 -27.88
C GLU A 73 28.99 -10.18 -28.20
N SER A 74 28.18 -10.52 -27.21
CA SER A 74 27.19 -11.55 -27.38
C SER A 74 26.00 -11.12 -28.22
N THR A 75 25.73 -11.89 -29.25
CA THR A 75 24.60 -11.64 -30.10
C THR A 75 23.29 -12.03 -29.40
N SER A 76 23.33 -13.05 -28.57
CA SER A 76 22.12 -13.39 -27.84
C SER A 76 22.00 -12.57 -26.51
N CYS A 77 20.77 -12.27 -26.21
CA CYS A 77 20.38 -11.53 -25.05
C CYS A 77 20.78 -12.23 -23.71
N ALA A 78 21.28 -11.46 -22.75
CA ALA A 78 21.63 -12.04 -21.43
C ALA A 78 20.37 -12.61 -20.72
N LYS A 79 20.57 -13.61 -19.88
CA LYS A 79 19.48 -14.20 -19.07
C LYS A 79 19.96 -14.11 -17.64
N THR A 80 19.02 -14.11 -16.70
CA THR A 80 19.37 -13.96 -15.28
C THR A 80 18.57 -14.97 -14.45
N SER A 81 19.01 -15.21 -13.21
CA SER A 81 18.25 -16.10 -12.33
C SER A 81 18.22 -15.53 -10.93
N CYS A 82 17.10 -15.70 -10.25
CA CYS A 82 16.98 -15.20 -8.87
C CYS A 82 17.76 -16.12 -7.91
N PRO A 83 18.04 -15.67 -6.67
CA PRO A 83 18.71 -16.57 -5.74
C PRO A 83 17.78 -17.68 -5.34
N SER A 84 18.32 -18.80 -4.87
CA SER A 84 17.52 -19.93 -4.47
C SER A 84 16.99 -19.75 -3.06
N PRO A 85 15.92 -20.46 -2.72
CA PRO A 85 15.41 -20.35 -1.35
C PRO A 85 16.45 -20.79 -0.34
N GLU A 86 17.32 -21.72 -0.71
CA GLU A 86 18.28 -22.26 0.21
C GLU A 86 19.34 -21.24 0.55
N ARG A 87 19.75 -20.45 -0.45
CA ARG A 87 20.66 -19.38 -0.18
C ARG A 87 20.06 -18.34 0.75
N TYR A 88 18.79 -18.02 0.58
CA TYR A 88 18.16 -17.04 1.47
C TYR A 88 18.10 -17.60 2.88
N GLU A 90 20.02 -19.75 4.36
CA GLU A 90 21.34 -19.71 4.99
C GLU A 90 21.71 -18.31 5.45
N SER A 91 21.30 -17.28 4.69
CA SER A 91 21.58 -15.89 5.10
C SER A 91 20.77 -15.48 6.34
N TYR A 92 19.64 -16.12 6.57
CA TYR A 92 18.82 -15.81 7.74
C TYR A 92 19.43 -16.42 9.01
N HIS A 93 20.11 -17.55 8.84
CA HIS A 93 20.66 -18.27 9.99
C HIS A 93 21.97 -17.62 10.44
N CYS A 94 21.89 -16.85 11.54
CA CYS A 94 23.01 -16.08 12.08
C CYS A 94 22.61 -15.54 13.45
N ASP A 95 23.51 -14.80 14.09
CA ASP A 95 23.32 -14.33 15.45
C ASP A 95 22.39 -13.11 15.57
N ALA A 96 22.02 -12.48 14.45
CA ALA A 96 21.15 -11.30 14.49
C ALA A 96 19.75 -11.74 14.85
N GLU A 97 19.14 -11.03 15.76
CA GLU A 97 17.78 -11.35 16.18
C GLU A 97 16.76 -11.03 15.09
N ARG A 98 16.94 -9.90 14.42
CA ARG A 98 15.95 -9.42 13.47
C ARG A 98 16.53 -9.45 12.07
N ILE A 99 15.83 -10.10 11.15
CA ILE A 99 16.24 -10.22 9.76
C ILE A 99 15.27 -9.49 8.83
N TYR A 100 15.79 -8.56 8.04
CA TYR A 100 15.00 -7.78 7.08
C TYR A 100 15.54 -8.12 5.72
N VAL A 101 14.68 -8.50 4.79
CA VAL A 101 15.11 -8.90 3.45
C VAL A 101 14.50 -7.92 2.44
N VAL A 102 15.30 -7.42 1.52
CA VAL A 102 14.82 -6.47 0.50
C VAL A 102 15.09 -7.04 -0.87
N THR A 103 14.04 -7.20 -1.68
CA THR A 103 14.14 -7.83 -2.97
C THR A 103 13.63 -6.97 -4.08
N LEU A 104 14.07 -7.30 -5.29
CA LEU A 104 13.43 -6.90 -6.53
C LEU A 104 11.90 -7.04 -6.46
N SER A 105 11.20 -6.18 -7.18
CA SER A 105 9.79 -6.33 -7.42
C SER A 105 9.38 -7.75 -7.72
N ALA A 106 8.35 -8.20 -7.00
CA ALA A 106 7.80 -9.54 -7.22
C ALA A 106 7.25 -9.66 -8.62
N GLU A 107 6.92 -8.57 -9.28
CA GLU A 107 6.41 -8.68 -10.63
C GLU A 107 7.49 -8.75 -11.70
N LEU A 108 8.75 -8.57 -11.32
CA LEU A 108 9.86 -8.61 -12.28
C LEU A 108 10.79 -9.81 -12.09
N SER A 109 10.66 -10.55 -10.99
CA SER A 109 11.69 -11.52 -10.60
C SER A 109 11.09 -12.50 -9.58
N GLY A 110 11.58 -13.72 -9.56
CA GLY A 110 11.22 -14.68 -8.52
C GLY A 110 12.00 -14.50 -7.21
N SER A 111 12.76 -13.40 -7.09
CA SER A 111 13.62 -13.17 -5.91
C SER A 111 12.75 -13.07 -4.64
N TYR A 112 11.70 -12.25 -4.70
CA TYR A 112 10.73 -12.13 -3.59
C TYR A 112 10.18 -13.50 -3.16
N ASN A 113 9.59 -14.22 -4.08
CA ASN A 113 9.04 -15.56 -3.73
C ASN A 113 10.05 -16.54 -3.12
N SER A 114 11.27 -16.48 -3.64
CA SER A 114 12.35 -17.27 -3.15
C SER A 114 12.73 -16.95 -1.71
N ALA A 115 12.84 -15.65 -1.41
CA ALA A 115 13.10 -15.14 -0.08
C ALA A 115 12.02 -15.60 0.93
N VAL A 116 10.75 -15.56 0.50
CA VAL A 116 9.62 -16.02 1.31
C VAL A 116 9.70 -17.54 1.58
N LEU A 117 9.98 -18.31 0.55
CA LEU A 117 10.11 -19.76 0.70
C LEU A 117 11.32 -20.05 1.59
N GLY A 118 12.40 -19.28 1.46
CA GLY A 118 13.54 -19.43 2.33
C GLY A 118 13.18 -19.27 3.80
N LYS A 119 12.25 -18.36 4.08
CA LYS A 119 11.76 -18.18 5.44
C LYS A 119 10.96 -19.42 5.91
N ASN A 120 10.17 -20.01 5.01
CA ASN A 120 9.42 -21.22 5.37
C ASN A 120 10.38 -22.36 5.70
N LEU A 121 11.41 -22.53 4.88
CA LEU A 121 12.43 -23.54 5.10
C LEU A 121 13.15 -23.27 6.41
N TYR A 122 13.52 -22.02 6.63
CA TYR A 122 14.17 -21.63 7.93
C TYR A 122 13.37 -22.14 9.12
N GLU A 123 12.07 -21.88 9.10
CA GLU A 123 11.25 -22.15 10.24
C GLU A 123 11.07 -23.65 10.44
N GLU A 124 11.10 -24.42 9.34
CA GLU A 124 11.06 -25.87 9.41
C GLU A 124 12.32 -26.44 9.98
N GLU A 125 13.46 -25.79 9.74
CA GLU A 125 14.72 -26.29 10.19
C GLU A 125 15.11 -25.71 11.56
N TYR A 126 14.75 -24.48 11.88
CA TYR A 126 15.31 -23.86 13.06
C TYR A 126 14.30 -23.21 14.00
N GLY A 127 13.03 -23.27 13.66
CA GLY A 127 11.98 -22.63 14.43
C GLY A 127 11.74 -21.17 14.07
N GLU A 128 10.93 -20.53 14.89
CA GLU A 128 10.46 -19.17 14.68
C GLU A 128 11.63 -18.15 14.75
N LYS A 129 11.63 -17.15 13.86
CA LYS A 129 12.57 -16.04 13.97
C LYS A 129 11.87 -14.83 13.39
N GLN A 130 12.27 -13.63 13.84
CA GLN A 130 11.75 -12.41 13.26
C GLN A 130 12.45 -12.19 11.93
N ILE A 131 11.78 -12.61 10.86
CA ILE A 131 12.23 -12.44 9.51
C ILE A 131 11.11 -11.80 8.69
N HIS A 132 11.40 -10.70 8.02
CA HIS A 132 10.43 -10.05 7.15
C HIS A 132 11.03 -9.79 5.80
N VAL A 133 10.32 -10.21 4.75
CA VAL A 133 10.72 -9.99 3.37
C VAL A 133 9.93 -8.77 2.78
N PHE A 134 10.65 -7.72 2.38
CA PHE A 134 10.03 -6.53 1.76
C PHE A 134 10.11 -6.71 0.22
N ASN A 135 8.96 -6.77 -0.43
CA ASN A 135 8.89 -6.69 -1.87
C ASN A 135 9.09 -5.22 -2.17
N SER A 136 10.20 -4.83 -2.78
CA SER A 136 10.47 -3.42 -3.05
C SER A 136 9.50 -2.79 -4.03
N ARG A 137 8.82 -3.56 -4.89
CA ARG A 137 8.07 -3.05 -6.03
C ARG A 137 8.93 -2.16 -6.94
N SER A 138 10.23 -2.46 -6.99
CA SER A 138 11.22 -1.63 -7.60
C SER A 138 12.44 -2.49 -7.97
N ALA A 139 13.60 -1.86 -8.13
CA ALA A 139 14.84 -2.50 -8.53
C ALA A 139 15.95 -1.54 -8.15
N SER A 140 17.18 -2.04 -8.18
CA SER A 140 18.38 -1.21 -8.16
C SER A 140 18.34 -0.34 -6.90
N VAL A 141 18.49 0.95 -7.06
CA VAL A 141 18.55 1.89 -5.95
C VAL A 141 17.23 2.05 -5.18
N GLY A 142 16.13 1.60 -5.76
CA GLY A 142 14.87 1.46 -4.98
C GLY A 142 15.12 0.51 -3.78
N GLU A 143 15.82 -0.59 -4.03
CA GLU A 143 16.16 -1.55 -2.94
C GLU A 143 17.14 -0.92 -1.94
N THR A 144 18.11 -0.20 -2.48
CA THR A 144 19.13 0.47 -1.70
C THR A 144 18.45 1.39 -0.70
N LEU A 145 17.54 2.20 -1.21
CA LEU A 145 16.88 3.18 -0.37
C LEU A 145 16.01 2.52 0.73
N ILE A 146 15.36 1.43 0.40
CA ILE A 146 14.60 0.63 1.38
C ILE A 146 15.54 0.08 2.51
N ALA A 147 16.69 -0.47 2.12
CA ALA A 147 17.70 -0.93 3.06
C ALA A 147 18.14 0.20 4.01
N LEU A 148 18.38 1.39 3.44
CA LEU A 148 18.72 2.59 4.25
C LEU A 148 17.61 2.97 5.25
N LYS A 149 16.38 2.84 4.80
CA LYS A 149 15.25 3.13 5.66
C LYS A 149 15.14 2.13 6.83
N VAL A 150 15.38 0.84 6.57
CA VAL A 150 15.43 -0.14 7.64
C VAL A 150 16.43 0.31 8.70
N GLN A 151 17.63 0.66 8.26
CA GLN A 151 18.68 1.08 9.20
C GLN A 151 18.28 2.34 9.95
N GLN A 152 17.64 3.27 9.26
CA GLN A 152 17.19 4.52 9.89
C GLN A 152 16.18 4.21 11.00
N CYS A 153 15.20 3.37 10.69
CA CYS A 153 14.21 2.93 11.70
C CYS A 153 14.85 2.23 12.89
N GLU A 154 15.77 1.31 12.60
CA GLU A 154 16.51 0.61 13.67
C GLU A 154 17.27 1.61 14.56
N LYS A 155 17.91 2.60 13.93
CA LYS A 155 18.64 3.60 14.66
C LYS A 155 17.70 4.47 15.53
N ALA A 156 16.48 4.70 15.07
CA ALA A 156 15.48 5.40 15.88
C ALA A 156 14.96 4.56 17.06
N GLY A 157 15.36 3.29 17.19
CA GLY A 157 14.88 2.44 18.29
C GLY A 157 13.50 1.80 18.10
N THR A 159 10.64 -1.03 17.44
CA THR A 159 10.50 -2.48 17.52
C THR A 159 10.56 -3.09 16.11
N PHE A 160 10.75 -4.39 16.05
CA PHE A 160 10.69 -5.13 14.76
C PHE A 160 9.43 -4.80 13.94
N GLU A 161 8.26 -4.94 14.55
CA GLU A 161 7.02 -4.65 13.81
C GLU A 161 6.88 -3.20 13.42
N GLU A 162 7.39 -2.27 14.23
CA GLU A 162 7.41 -0.86 13.85
C GLU A 162 8.30 -0.58 12.63
N VAL A 163 9.46 -1.22 12.58
CA VAL A 163 10.32 -1.10 11.42
C VAL A 163 9.57 -1.64 10.19
N VAL A 164 8.94 -2.80 10.31
CA VAL A 164 8.17 -3.38 9.18
C VAL A 164 7.09 -2.41 8.69
N GLU A 165 6.28 -1.88 9.62
CA GLU A 165 5.27 -0.91 9.23
C GLU A 165 5.86 0.33 8.57
N SER A 166 6.91 0.92 9.17
CA SER A 166 7.49 2.17 8.63
C SER A 166 8.08 1.97 7.25
N VAL A 167 8.72 0.82 7.06
CA VAL A 167 9.35 0.54 5.79
C VAL A 167 8.33 0.21 4.71
N GLU A 168 7.30 -0.57 5.03
CA GLU A 168 6.24 -0.81 4.09
C GLU A 168 5.57 0.51 3.66
N CYS A 169 5.43 1.47 4.58
CA CYS A 169 4.91 2.80 4.25
C CYS A 169 5.88 3.49 3.26
N TYR A 170 7.14 3.49 3.60
CA TYR A 170 8.14 4.05 2.71
C TYR A 170 8.05 3.43 1.29
N ILE A 171 7.88 2.12 1.20
CA ILE A 171 7.76 1.46 -0.10
C ILE A 171 6.59 2.02 -0.88
N GLU A 172 5.49 2.23 -0.18
CA GLU A 172 4.28 2.81 -0.79
C GLU A 172 4.49 4.26 -1.28
N GLU A 173 5.30 5.04 -0.57
CA GLU A 173 5.63 6.40 -1.00
C GLU A 173 6.62 6.45 -2.15
N GLN A 174 7.48 5.42 -2.24
CA GLN A 174 8.61 5.39 -3.18
C GLN A 174 8.19 5.14 -4.62
N HIS A 175 8.68 5.99 -5.55
CA HIS A 175 8.46 5.81 -7.00
C HIS A 175 9.80 5.72 -7.74
N THR A 176 9.84 4.95 -8.81
CA THR A 176 11.04 4.68 -9.60
C THR A 176 10.80 5.14 -11.04
N TYR A 177 11.86 5.66 -11.63
CA TYR A 177 11.85 6.18 -13.00
C TYR A 177 13.14 5.80 -13.68
N PHE A 178 13.11 5.59 -14.98
CA PHE A 178 14.33 5.34 -15.71
C PHE A 178 14.24 5.71 -17.16
N VAL A 179 15.40 5.98 -17.72
CA VAL A 179 15.60 6.17 -19.15
C VAL A 179 16.86 5.37 -19.55
N LEU A 180 16.71 4.54 -20.56
CA LEU A 180 17.78 3.72 -21.06
C LEU A 180 18.10 4.07 -22.50
N GLU A 181 19.32 3.73 -22.94
CA GLU A 181 19.64 3.73 -24.38
C GLU A 181 19.10 2.47 -25.00
N ASN A 182 19.05 1.37 -24.23
CA ASN A 182 18.74 0.07 -24.81
C ASN A 182 17.75 -0.77 -23.95
N LEU A 183 16.48 -0.79 -24.37
CA LEU A 183 15.39 -1.49 -23.65
C LEU A 183 15.26 -2.95 -24.02
N ASP A 184 16.10 -3.40 -24.95
CA ASP A 184 15.89 -4.74 -25.51
C ASP A 184 16.01 -5.88 -24.49
N THR A 185 16.90 -5.77 -23.51
CA THR A 185 17.07 -6.87 -22.54
C THR A 185 15.79 -7.00 -21.68
N LEU A 186 15.24 -5.88 -21.25
CA LEU A 186 13.95 -5.87 -20.54
C LEU A 186 12.83 -6.42 -21.43
N ARG A 187 12.81 -6.01 -22.69
CA ARG A 187 11.73 -6.42 -23.59
C ARG A 187 11.80 -7.91 -23.85
N LYS A 188 12.99 -8.37 -24.24
CA LYS A 188 13.19 -9.74 -24.65
C LYS A 188 13.05 -10.72 -23.48
N ASN A 189 13.39 -10.29 -22.27
CA ASN A 189 13.19 -11.18 -21.09
C ASN A 189 11.80 -11.05 -20.45
N GLY A 190 10.86 -10.37 -21.10
CA GLY A 190 9.45 -10.42 -20.71
C GLY A 190 9.09 -9.49 -19.57
N ARG A 191 9.91 -8.46 -19.34
CA ARG A 191 9.68 -7.48 -18.26
C ARG A 191 8.93 -6.21 -18.68
N LEU A 192 8.52 -6.13 -19.93
CA LEU A 192 7.88 -4.91 -20.45
C LEU A 192 6.50 -5.26 -21.01
N THR A 193 5.89 -6.31 -20.49
CA THR A 193 4.70 -6.81 -21.15
C THR A 193 3.53 -5.82 -21.00
N GLY A 194 2.68 -5.81 -22.01
CA GLY A 194 1.63 -4.82 -22.08
C GLY A 194 2.09 -3.59 -22.84
N ILE A 195 3.22 -3.00 -22.43
CA ILE A 195 3.70 -1.72 -22.98
C ILE A 195 3.94 -1.88 -24.47
N LYS A 196 3.25 -1.09 -25.28
CA LYS A 196 3.40 -1.19 -26.71
C LYS A 196 4.66 -0.50 -27.22
N SER A 197 5.03 -0.81 -28.45
CA SER A 197 6.36 -0.48 -28.97
C SER A 197 6.42 0.83 -29.73
N ALA A 200 7.60 1.96 -33.99
CA ALA A 200 8.96 2.44 -34.23
C ALA A 200 8.96 3.78 -34.99
N GLY A 201 8.67 4.86 -34.27
CA GLY A 201 8.79 6.23 -34.80
C GLY A 201 10.24 6.68 -34.91
N ALA A 202 10.50 7.95 -34.57
CA ALA A 202 11.83 8.56 -34.66
C ALA A 202 12.90 7.66 -34.01
N LEU A 203 14.02 7.47 -34.72
CA LEU A 203 15.06 6.57 -34.21
C LEU A 203 15.77 7.03 -32.92
N ASN A 204 15.66 8.33 -32.59
CA ASN A 204 16.23 8.85 -31.34
C ASN A 204 15.19 9.01 -30.22
N ILE A 205 13.98 8.48 -30.40
CA ILE A 205 12.97 8.56 -29.34
C ILE A 205 13.44 7.80 -28.09
N LYS A 206 13.35 8.43 -26.93
CA LYS A 206 13.73 7.76 -25.68
C LYS A 206 12.49 7.75 -24.77
N PRO A 207 11.91 6.56 -24.48
CA PRO A 207 10.88 6.47 -23.47
C PRO A 207 11.38 6.84 -22.06
N ILE A 208 10.57 7.56 -21.33
CA ILE A 208 10.80 7.74 -19.92
C ILE A 208 9.92 6.66 -19.25
N GLY A 210 8.88 4.00 -15.86
CA GLY A 210 8.72 4.06 -14.43
C GLY A 210 8.01 2.83 -13.84
N SER A 211 8.02 2.77 -12.52
CA SER A 211 7.23 1.81 -11.77
C SER A 211 5.76 2.18 -11.77
N THR A 212 4.92 1.16 -11.57
CA THR A 212 3.56 1.31 -11.16
C THR A 212 3.54 0.99 -9.70
N PRO A 213 2.46 1.38 -9.00
CA PRO A 213 2.38 1.01 -7.58
C PRO A 213 2.40 -0.51 -7.33
N GLN A 214 2.03 -1.33 -8.29
CA GLN A 214 2.14 -2.79 -8.14
C GLN A 214 3.55 -3.34 -8.38
N GLY A 215 4.48 -2.52 -8.85
CA GLY A 215 5.87 -3.01 -9.16
C GLY A 215 6.07 -3.51 -10.58
N THR A 216 5.18 -3.13 -11.51
CA THR A 216 5.39 -3.40 -12.91
C THR A 216 6.03 -2.14 -13.54
N ILE A 217 6.43 -2.25 -14.81
CA ILE A 217 7.00 -1.13 -15.53
C ILE A 217 5.96 -0.52 -16.45
N CYS A 218 5.90 0.80 -16.52
CA CYS A 218 5.05 1.48 -17.52
C CYS A 218 5.85 2.60 -18.21
N GLN A 219 5.31 3.10 -19.30
CA GLN A 219 5.84 4.28 -19.95
C GLN A 219 5.13 5.54 -19.41
N LYS A 220 5.92 6.50 -18.93
CA LYS A 220 5.43 7.74 -18.39
C LYS A 220 5.45 8.86 -19.40
N GLU A 221 6.39 8.82 -20.35
CA GLU A 221 6.60 9.91 -21.33
C GLU A 221 7.58 9.43 -22.38
N LYS A 222 7.93 10.33 -23.28
CA LYS A 222 8.94 10.08 -24.28
C LYS A 222 9.40 11.40 -24.84
N ALA A 223 10.57 11.36 -25.45
CA ALA A 223 11.19 12.54 -26.02
C ALA A 223 12.19 12.11 -27.08
N ARG A 224 12.48 13.01 -28.02
CA ARG A 224 13.54 12.77 -28.99
C ARG A 224 14.89 13.14 -28.44
N GLY A 225 15.75 12.17 -28.32
CA GLY A 225 17.07 12.38 -27.78
C GLY A 225 17.14 12.39 -26.26
N LYS A 227 18.85 14.22 -24.15
CA LYS A 227 18.87 15.48 -23.41
C LYS A 227 17.47 15.91 -23.05
N LYS A 228 16.56 15.86 -24.02
CA LYS A 228 15.17 16.19 -23.73
C LYS A 228 14.51 15.12 -22.82
N ALA A 229 14.87 13.85 -22.99
CA ALA A 229 14.29 12.78 -22.15
C ALA A 229 14.68 12.97 -20.68
N LEU A 230 15.90 13.41 -20.41
CA LEU A 230 16.30 13.58 -19.01
C LEU A 230 15.52 14.71 -18.34
N VAL A 231 15.24 15.78 -19.09
CA VAL A 231 14.40 16.85 -18.59
C VAL A 231 12.99 16.35 -18.32
N LYS A 232 12.40 15.61 -19.26
CA LYS A 232 11.06 15.09 -19.05
C LYS A 232 11.04 14.11 -17.86
N ALA A 234 13.02 14.26 -15.15
CA ALA A 234 13.06 15.21 -14.01
C ALA A 234 11.70 15.79 -13.71
N ASP A 235 10.96 16.21 -14.74
CA ASP A 235 9.62 16.73 -14.55
C ASP A 235 8.72 15.63 -13.98
N CYS A 236 8.79 14.40 -14.49
CA CYS A 236 7.93 13.33 -13.98
C CYS A 236 8.18 13.08 -12.50
N VAL A 237 9.45 13.03 -12.13
CA VAL A 237 9.81 12.78 -10.73
C VAL A 237 9.25 13.90 -9.89
N ALA A 238 9.42 15.13 -10.37
CA ALA A 238 8.97 16.30 -9.64
C ALA A 238 7.44 16.37 -9.49
N ALA A 239 6.71 15.91 -10.52
CA ALA A 239 5.24 15.89 -10.47
C ALA A 239 4.65 14.95 -9.41
N ASP A 240 5.38 13.87 -9.10
CA ASP A 240 4.89 12.84 -8.19
C ASP A 240 5.42 13.06 -6.78
N VAL A 241 6.53 13.75 -6.59
CA VAL A 241 7.21 13.66 -5.29
C VAL A 241 6.39 14.46 -4.27
N VAL A 242 6.26 13.93 -3.04
CA VAL A 242 5.68 14.71 -1.96
C VAL A 242 6.58 14.62 -0.75
N ASN A 243 6.57 15.68 0.04
CA ASN A 243 7.40 15.73 1.24
C ASN A 243 8.87 15.38 0.94
N ALA A 244 9.42 15.97 -0.13
CA ALA A 244 10.78 15.63 -0.63
C ALA A 244 11.87 15.95 0.40
N GLY A 245 11.61 16.92 1.26
CA GLY A 245 12.52 17.27 2.31
C GLY A 245 12.76 16.13 3.30
N ASP A 246 11.83 15.19 3.38
CA ASP A 246 11.98 14.03 4.25
C ASP A 246 12.74 12.89 3.55
N LYS A 247 13.14 13.07 2.30
CA LYS A 247 13.53 11.93 1.51
C LYS A 247 14.94 12.02 0.95
N ILE A 248 15.54 10.85 0.74
CA ILE A 248 16.82 10.74 0.11
C ILE A 248 16.54 10.37 -1.36
N LEU A 249 17.21 11.04 -2.28
CA LEU A 249 17.06 10.72 -3.67
C LEU A 249 18.28 9.92 -4.13
N ALA A 250 18.04 8.87 -4.89
CA ALA A 250 19.09 8.02 -5.36
C ALA A 250 19.10 7.95 -6.86
N ILE A 251 20.30 7.93 -7.41
CA ILE A 251 20.52 7.80 -8.84
C ILE A 251 21.52 6.68 -9.13
N ALA A 252 21.16 5.72 -9.95
CA ALA A 252 22.10 4.74 -10.42
C ALA A 252 22.31 4.96 -11.90
N HIS A 253 23.56 4.78 -12.34
CA HIS A 253 23.91 4.96 -13.74
C HIS A 253 24.77 3.80 -14.18
N CYS A 254 24.63 3.44 -15.45
CA CYS A 254 25.45 2.40 -16.04
C CYS A 254 26.46 3.03 -17.00
N ASN A 255 27.68 3.26 -16.50
CA ASN A 255 28.81 3.78 -17.31
C ASN A 255 28.50 5.17 -17.91
N CYS A 256 27.86 6.04 -17.12
CA CYS A 256 27.54 7.41 -17.57
C CYS A 256 27.42 8.36 -16.37
N GLU A 257 28.53 8.51 -15.68
CA GLU A 257 28.55 9.32 -14.48
C GLU A 257 28.15 10.77 -14.71
N GLU A 258 28.58 11.35 -15.83
CA GLU A 258 28.25 12.76 -16.07
C GLU A 258 26.77 12.95 -16.36
N ARG A 259 26.18 12.00 -17.07
CA ARG A 259 24.73 11.99 -17.21
C ARG A 259 24.01 11.88 -15.84
N ALA A 260 24.52 11.05 -14.93
CA ALA A 260 23.99 11.00 -13.58
C ALA A 260 24.05 12.37 -12.89
N LYS A 261 25.18 13.03 -13.01
CA LYS A 261 25.34 14.35 -12.40
C LYS A 261 24.37 15.40 -12.96
N GLU A 262 24.12 15.33 -14.26
CA GLU A 262 23.19 16.25 -14.91
C GLU A 262 21.76 16.01 -14.43
N VAL A 263 21.37 14.74 -14.28
CA VAL A 263 20.07 14.41 -13.72
C VAL A 263 19.94 14.96 -12.32
N GLN A 264 20.99 14.81 -11.53
CA GLN A 264 20.96 15.27 -10.17
C GLN A 264 20.71 16.80 -10.17
N ARG A 265 21.38 17.49 -11.09
CA ARG A 265 21.29 18.94 -11.20
C ARG A 265 19.88 19.36 -11.60
N LEU A 266 19.31 18.71 -12.61
CA LEU A 266 17.93 19.00 -13.03
C LEU A 266 16.94 18.78 -11.90
N LEU A 267 17.11 17.71 -11.13
CA LEU A 267 16.17 17.41 -10.05
C LEU A 267 16.25 18.46 -8.97
N LYS A 268 17.47 18.88 -8.67
CA LYS A 268 17.69 19.90 -7.65
C LYS A 268 17.08 21.26 -8.01
N GLU A 269 16.96 21.54 -9.29
CA GLU A 269 16.27 22.72 -9.73
C GLU A 269 14.75 22.65 -9.44
N ARG A 270 14.21 21.45 -9.36
CA ARG A 270 12.79 21.22 -9.25
C ARG A 270 12.26 20.97 -7.83
N PHE A 271 13.08 20.45 -6.92
CA PHE A 271 12.66 20.23 -5.53
C PHE A 271 13.86 19.97 -4.64
N ALA A 272 13.67 20.19 -3.34
CA ALA A 272 14.74 20.04 -2.36
C ALA A 272 14.57 18.69 -1.66
N VAL A 273 15.64 17.93 -1.56
CA VAL A 273 15.59 16.64 -0.87
C VAL A 273 16.47 16.69 0.34
N LYS A 274 16.41 15.69 1.21
CA LYS A 274 17.21 15.68 2.40
C LYS A 274 18.65 15.56 1.98
N SER A 275 18.89 14.65 1.02
CA SER A 275 20.18 14.41 0.46
C SER A 275 20.00 13.52 -0.76
N SER A 276 21.08 13.38 -1.52
CA SER A 276 21.06 12.45 -2.64
C SER A 276 22.42 11.80 -2.85
N PHE A 277 22.40 10.68 -3.57
CA PHE A 277 23.61 10.07 -3.94
C PHE A 277 23.49 9.38 -5.26
N ILE A 278 24.67 9.11 -5.85
CA ILE A 278 24.81 8.45 -7.13
C ILE A 278 25.64 7.19 -6.97
N VAL A 279 25.22 6.12 -7.62
CA VAL A 279 25.96 4.84 -7.61
C VAL A 279 26.06 4.23 -8.98
N ASP A 280 27.08 3.40 -9.15
CA ASP A 280 27.24 2.57 -10.32
C ASP A 280 26.28 1.42 -10.22
N THR A 281 25.70 1.06 -11.35
CA THR A 281 24.76 -0.05 -11.37
C THR A 281 25.41 -1.40 -10.99
N SER A 282 24.65 -2.22 -10.25
CA SER A 282 25.05 -3.60 -9.90
C SER A 282 25.06 -4.47 -11.18
N GLY A 283 25.51 -5.72 -11.06
CA GLY A 283 25.48 -6.66 -12.18
C GLY A 283 24.10 -6.81 -12.79
N ILE A 284 23.09 -7.11 -11.96
CA ILE A 284 21.73 -7.26 -12.52
C ILE A 284 21.22 -5.92 -13.12
N SER A 285 21.48 -4.83 -12.43
CA SER A 285 21.08 -3.52 -12.92
C SER A 285 21.75 -3.20 -14.27
N THR A 286 23.04 -3.51 -14.38
CA THR A 286 23.76 -3.35 -15.64
C THR A 286 23.15 -4.19 -16.75
N VAL A 287 22.84 -5.45 -16.47
CA VAL A 287 22.28 -6.31 -17.49
C VAL A 287 20.98 -5.75 -18.08
N TYR A 288 20.09 -5.24 -17.23
CA TYR A 288 18.79 -4.73 -17.69
C TYR A 288 18.80 -3.24 -18.07
N ALA A 289 19.67 -2.45 -17.45
CA ALA A 289 19.72 -1.01 -17.80
C ALA A 289 20.51 -0.76 -19.07
N ASN A 290 21.58 -1.52 -19.20
CA ASN A 290 22.50 -1.44 -20.33
C ASN A 290 23.33 -0.18 -20.30
N ASP A 291 24.39 -0.20 -21.11
CA ASP A 291 25.34 0.91 -21.18
C ASP A 291 24.53 2.19 -21.40
N GLY A 292 24.80 3.19 -20.59
CA GLY A 292 24.15 4.48 -20.75
C GLY A 292 22.81 4.70 -20.02
N GLY A 293 22.35 3.71 -19.27
CA GLY A 293 21.09 3.85 -18.55
C GLY A 293 21.17 4.64 -17.25
N ILE A 294 20.04 5.25 -16.90
CA ILE A 294 19.88 6.08 -15.72
C ILE A 294 18.59 5.64 -15.02
N ILE A 295 18.70 5.41 -13.72
CA ILE A 295 17.58 5.07 -12.87
C ILE A 295 17.51 6.09 -11.75
N VAL A 296 16.31 6.61 -11.48
CA VAL A 296 16.09 7.52 -10.38
C VAL A 296 14.98 7.06 -9.45
N VAL A 297 15.24 7.14 -8.15
CA VAL A 297 14.25 6.81 -7.13
C VAL A 297 14.22 7.86 -6.04
N VAL A 298 13.01 8.24 -5.60
CA VAL A 298 12.81 9.03 -4.39
C VAL A 298 11.42 8.67 -3.70
N LYS B 18 -10.17 30.56 19.04
CA LYS B 18 -9.67 30.35 17.63
C LYS B 18 -10.58 29.38 16.85
N ASP B 19 -10.46 29.43 15.52
CA ASP B 19 -11.12 28.47 14.63
C ASP B 19 -10.34 27.18 14.60
N SER B 21 -8.33 23.94 13.75
CA SER B 21 -7.29 23.87 12.74
C SER B 21 -7.68 22.92 11.60
N TYR B 22 -8.52 21.93 11.91
CA TYR B 22 -8.95 20.96 10.91
C TYR B 22 -10.31 20.37 11.27
N LYS B 23 -10.94 19.82 10.25
CA LYS B 23 -12.18 19.06 10.39
C LYS B 23 -12.04 17.80 9.53
N VAL B 24 -12.50 16.68 10.07
CA VAL B 24 -12.58 15.38 9.35
C VAL B 24 -14.05 15.11 9.02
N ILE B 25 -14.35 15.07 7.72
CA ILE B 25 -15.70 14.81 7.24
C ILE B 25 -15.75 13.33 6.89
N VAL B 26 -16.75 12.61 7.41
CA VAL B 26 -16.87 11.17 7.19
C VAL B 26 -18.25 10.91 6.65
N ASP B 27 -18.39 10.08 5.62
CA ASP B 27 -19.75 9.78 5.17
C ASP B 27 -20.41 8.91 6.25
N SER B 28 -21.73 8.80 6.19
CA SER B 28 -22.48 8.31 7.35
C SER B 28 -22.24 6.83 7.60
N CYS B 29 -21.70 6.09 6.63
CA CYS B 29 -21.39 4.68 6.85
C CYS B 29 -20.37 4.52 8.00
N GLY B 30 -19.45 5.49 8.12
CA GLY B 30 -18.43 5.44 9.12
C GLY B 30 -18.93 5.83 10.51
N GLU B 31 -18.99 4.87 11.44
CA GLU B 31 -19.54 5.08 12.77
C GLU B 31 -18.65 5.99 13.58
N PHE B 32 -19.23 6.75 14.50
CA PHE B 32 -18.48 7.52 15.48
C PHE B 32 -18.59 6.88 16.85
N THR B 33 -17.48 6.83 17.58
CA THR B 33 -17.47 6.50 18.98
C THR B 33 -18.04 7.69 19.76
N PRO B 34 -18.36 7.48 21.05
CA PRO B 34 -18.84 8.57 21.90
C PRO B 34 -17.87 9.72 21.94
N GLU B 35 -16.59 9.41 22.07
CA GLU B 35 -15.58 10.45 22.10
C GLU B 35 -15.56 11.27 20.77
N LYS B 37 -18.17 11.64 18.59
CA LYS B 37 -19.43 12.37 18.59
C LYS B 37 -19.37 13.67 19.40
N ALA B 38 -18.59 13.66 20.48
CA ALA B 38 -18.45 14.82 21.37
C ALA B 38 -17.43 15.83 20.81
N ASP B 39 -16.66 15.45 19.76
CA ASP B 39 -15.61 16.28 19.17
C ASP B 39 -16.14 16.88 17.86
N GLY B 40 -16.16 18.20 17.81
CA GLY B 40 -16.65 18.89 16.63
C GLY B 40 -15.66 18.84 15.49
N GLY B 41 -14.49 18.25 15.73
CA GLY B 41 -13.56 17.92 14.65
C GLY B 41 -13.98 16.82 13.70
N PHE B 42 -15.01 16.06 14.08
CA PHE B 42 -15.55 15.00 13.27
C PHE B 42 -16.98 15.40 12.89
N GLU B 43 -17.31 15.27 11.61
CA GLU B 43 -18.64 15.62 11.12
C GLU B 43 -19.08 14.63 10.04
N HIS B 44 -20.35 14.21 10.07
CA HIS B 44 -20.89 13.31 9.07
C HIS B 44 -21.53 14.05 7.90
N VAL B 45 -21.46 13.42 6.72
CA VAL B 45 -22.28 13.73 5.56
C VAL B 45 -23.13 12.53 5.26
N ALA B 46 -24.46 12.72 5.27
CA ALA B 46 -25.42 11.61 5.23
C ALA B 46 -25.66 10.97 3.89
N LEU B 47 -25.71 9.64 3.89
CA LEU B 47 -26.27 8.93 2.76
C LEU B 47 -27.79 8.84 2.96
N GLY B 48 -28.49 8.42 1.90
CA GLY B 48 -29.94 8.14 1.96
C GLY B 48 -30.24 6.62 1.98
N ILE B 49 -31.35 6.24 2.61
CA ILE B 49 -31.81 4.86 2.69
C ILE B 49 -33.28 4.81 2.23
N GLN B 50 -33.58 3.93 1.27
CA GLN B 50 -34.95 3.77 0.79
C GLN B 50 -35.38 2.32 1.02
N ILE B 51 -36.45 2.12 1.76
CA ILE B 51 -37.00 0.77 1.91
C ILE B 51 -38.49 0.87 1.59
N GLU B 52 -38.86 0.23 0.49
CA GLU B 52 -40.24 0.25 0.03
C GLU B 52 -40.71 1.68 -0.13
N ASP B 53 -41.71 2.14 0.61
CA ASP B 53 -42.22 3.49 0.40
C ASP B 53 -41.56 4.55 1.33
N THR B 54 -40.56 4.15 2.11
CA THR B 54 -40.00 5.00 3.16
C THR B 54 -38.57 5.46 2.82
N GLN B 55 -38.31 6.75 2.91
CA GLN B 55 -36.99 7.31 2.68
C GLN B 55 -36.52 7.89 3.99
N TRP B 56 -35.29 7.55 4.39
CA TRP B 56 -34.68 8.14 5.56
C TRP B 56 -33.31 8.70 5.21
N THR B 57 -32.90 9.72 5.94
CA THR B 57 -31.52 10.18 5.90
C THR B 57 -30.79 9.41 6.96
N ASP B 58 -29.59 8.94 6.63
CA ASP B 58 -28.77 8.18 7.60
C ASP B 58 -28.07 9.18 8.52
N ASP B 59 -28.76 9.55 9.60
CA ASP B 59 -28.15 10.39 10.63
C ASP B 59 -28.55 9.93 12.02
N ASP B 60 -28.18 10.71 13.03
CA ASP B 60 -28.37 10.27 14.42
C ASP B 60 -29.86 10.24 14.83
N SER B 61 -30.74 10.84 14.05
CA SER B 61 -32.15 10.74 14.35
C SER B 61 -32.80 9.42 13.87
N LEU B 62 -32.09 8.64 13.06
CA LEU B 62 -32.60 7.34 12.62
C LEU B 62 -32.19 6.27 13.63
N LYS B 63 -33.17 5.63 14.24
CA LYS B 63 -32.92 4.59 15.20
C LYS B 63 -32.70 3.26 14.47
N GLN B 64 -31.65 2.58 14.90
CA GLN B 64 -31.29 1.31 14.32
C GLN B 64 -32.48 0.35 14.39
N GLU B 65 -33.20 0.34 15.51
CA GLU B 65 -34.28 -0.68 15.64
C GLU B 65 -35.39 -0.39 14.61
N GLU B 66 -35.68 0.89 14.38
CA GLU B 66 -36.70 1.24 13.38
C GLU B 66 -36.31 0.74 12.01
N LEU B 67 -35.06 0.94 11.66
CA LEU B 67 -34.53 0.44 10.43
C LEU B 67 -34.57 -1.09 10.33
N LEU B 68 -34.04 -1.79 11.34
CA LEU B 68 -34.14 -3.27 11.33
C LEU B 68 -35.59 -3.81 11.25
N LEU B 69 -36.55 -3.16 11.93
CA LEU B 69 -37.94 -3.58 11.87
C LEU B 69 -38.52 -3.39 10.45
N LYS B 70 -38.17 -2.29 9.80
CA LYS B 70 -38.63 -2.02 8.43
C LYS B 70 -38.04 -3.02 7.44
N ILE B 71 -36.74 -3.32 7.55
CA ILE B 71 -36.10 -4.34 6.74
C ILE B 71 -36.78 -5.70 6.91
N ALA B 72 -37.02 -6.08 8.17
CA ALA B 72 -37.67 -7.34 8.52
C ALA B 72 -39.05 -7.43 7.91
N GLU B 73 -39.81 -6.34 7.92
CA GLU B 73 -41.18 -6.35 7.36
C GLU B 73 -41.22 -6.27 5.88
N SER B 74 -40.24 -5.62 5.29
CA SER B 74 -40.29 -5.36 3.87
C SER B 74 -39.76 -6.52 3.04
N THR B 75 -40.56 -6.95 2.08
CA THR B 75 -40.07 -7.97 1.17
C THR B 75 -39.15 -7.30 0.12
N SER B 76 -39.28 -5.98 -0.13
CA SER B 76 -38.35 -5.30 -1.08
C SER B 76 -37.02 -5.08 -0.39
N CYS B 77 -35.95 -5.35 -1.12
CA CYS B 77 -34.58 -5.07 -0.70
C CYS B 77 -34.33 -3.54 -0.60
N ALA B 78 -33.63 -3.14 0.45
CA ALA B 78 -33.28 -1.75 0.68
C ALA B 78 -32.43 -1.26 -0.45
N LYS B 79 -32.53 0.03 -0.73
CA LYS B 79 -31.65 0.70 -1.64
C LYS B 79 -31.03 1.89 -0.92
N THR B 80 -29.87 2.30 -1.37
CA THR B 80 -29.20 3.43 -0.76
C THR B 80 -28.68 4.39 -1.80
N SER B 81 -28.36 5.61 -1.37
CA SER B 81 -27.79 6.59 -2.26
C SER B 81 -26.67 7.35 -1.58
N CYS B 82 -25.65 7.70 -2.36
CA CYS B 82 -24.48 8.37 -1.83
C CYS B 82 -24.75 9.89 -1.72
N PRO B 83 -23.90 10.64 -1.02
CA PRO B 83 -24.17 12.08 -0.97
C PRO B 83 -23.76 12.76 -2.28
N SER B 84 -24.32 13.93 -2.57
CA SER B 84 -24.09 14.61 -3.81
C SER B 84 -22.82 15.44 -3.71
N PRO B 85 -22.21 15.79 -4.85
CA PRO B 85 -21.04 16.68 -4.80
C PRO B 85 -21.33 18.00 -4.12
N GLU B 86 -22.53 18.53 -4.32
CA GLU B 86 -22.94 19.80 -3.79
C GLU B 86 -22.96 19.78 -2.28
N ARG B 87 -23.52 18.73 -1.72
CA ARG B 87 -23.50 18.51 -0.31
C ARG B 87 -22.09 18.40 0.29
N TYR B 88 -21.20 17.65 -0.36
CA TYR B 88 -19.79 17.63 0.05
C TYR B 88 -19.17 19.02 -0.01
N GLU B 90 -20.49 21.92 0.29
CA GLU B 90 -21.01 22.73 1.41
C GLU B 90 -20.35 22.34 2.71
N SER B 91 -20.13 21.04 2.90
CA SER B 91 -19.50 20.58 4.12
C SER B 91 -18.05 21.11 4.25
N TYR B 92 -17.38 21.38 3.12
CA TYR B 92 -16.01 21.86 3.14
C TYR B 92 -15.93 23.35 3.42
N HIS B 93 -17.02 24.07 3.16
CA HIS B 93 -17.09 25.51 3.37
C HIS B 93 -17.45 25.81 4.82
N CYS B 94 -16.45 26.01 5.64
CA CYS B 94 -16.61 26.22 7.06
C CYS B 94 -15.33 26.88 7.56
N ASP B 95 -15.31 27.18 8.85
CA ASP B 95 -14.21 27.91 9.41
C ASP B 95 -12.91 27.10 9.63
N ALA B 96 -13.01 25.79 9.69
CA ALA B 96 -11.83 24.94 9.86
C ALA B 96 -10.88 25.17 8.69
N GLU B 97 -9.60 25.24 8.96
CA GLU B 97 -8.60 25.56 7.94
C GLU B 97 -8.31 24.41 6.99
N ARG B 98 -8.11 23.22 7.52
CA ARG B 98 -7.81 22.02 6.73
C ARG B 98 -8.96 21.04 6.78
N ILE B 99 -9.31 20.48 5.63
CA ILE B 99 -10.40 19.50 5.55
C ILE B 99 -9.88 18.14 5.06
N TYR B 100 -10.24 17.10 5.77
CA TYR B 100 -9.96 15.74 5.40
C TYR B 100 -11.32 15.06 5.28
N VAL B 101 -11.44 14.20 4.30
CA VAL B 101 -12.70 13.57 3.97
C VAL B 101 -12.43 12.07 3.88
N VAL B 102 -13.27 11.30 4.55
CA VAL B 102 -13.15 9.86 4.57
C VAL B 102 -14.42 9.25 4.05
N THR B 103 -14.32 8.40 3.04
CA THR B 103 -15.50 7.82 2.44
C THR B 103 -15.41 6.31 2.35
N LEU B 104 -16.57 5.70 2.15
CA LEU B 104 -16.69 4.33 1.64
C LEU B 104 -15.75 4.06 0.45
N SER B 105 -15.36 2.81 0.34
CA SER B 105 -14.62 2.30 -0.80
C SER B 105 -15.20 2.81 -2.10
N ALA B 106 -14.37 3.40 -2.95
CA ALA B 106 -14.78 3.85 -4.27
C ALA B 106 -15.33 2.70 -5.13
N GLU B 107 -14.99 1.46 -4.80
CA GLU B 107 -15.53 0.31 -5.52
C GLU B 107 -16.92 -0.16 -5.05
N LEU B 108 -17.41 0.39 -3.93
CA LEU B 108 -18.70 -0.01 -3.35
C LEU B 108 -19.77 1.08 -3.43
N SER B 109 -19.37 2.30 -3.78
CA SER B 109 -20.26 3.45 -3.67
C SER B 109 -19.71 4.63 -4.47
N GLY B 110 -20.62 5.49 -4.91
CA GLY B 110 -20.26 6.79 -5.51
C GLY B 110 -19.79 7.88 -4.53
N SER B 111 -19.78 7.56 -3.24
CA SER B 111 -19.42 8.53 -2.21
C SER B 111 -18.08 9.17 -2.47
N TYR B 112 -17.06 8.38 -2.75
CA TYR B 112 -15.72 8.87 -3.00
C TYR B 112 -15.73 9.83 -4.20
N ASN B 113 -16.24 9.36 -5.32
CA ASN B 113 -16.25 10.23 -6.51
C ASN B 113 -17.03 11.51 -6.26
N SER B 114 -18.11 11.48 -5.48
CA SER B 114 -18.85 12.72 -5.19
C SER B 114 -18.04 13.66 -4.33
N ALA B 115 -17.31 13.12 -3.36
CA ALA B 115 -16.47 13.94 -2.47
C ALA B 115 -15.37 14.64 -3.28
N VAL B 116 -14.80 13.90 -4.23
CA VAL B 116 -13.76 14.44 -5.12
C VAL B 116 -14.33 15.54 -6.02
N LEU B 117 -15.50 15.31 -6.62
CA LEU B 117 -16.19 16.33 -7.42
C LEU B 117 -16.53 17.55 -6.57
N GLY B 118 -16.98 17.29 -5.34
CA GLY B 118 -17.19 18.37 -4.38
C GLY B 118 -15.97 19.26 -4.14
N LYS B 119 -14.81 18.64 -4.04
CA LYS B 119 -13.55 19.38 -3.88
C LYS B 119 -13.28 20.24 -5.13
N ASN B 120 -13.44 19.65 -6.31
CA ASN B 120 -13.23 20.39 -7.57
C ASN B 120 -14.14 21.59 -7.68
N LEU B 121 -15.40 21.38 -7.34
CA LEU B 121 -16.38 22.46 -7.33
C LEU B 121 -16.01 23.51 -6.33
N TYR B 122 -15.63 23.07 -5.13
CA TYR B 122 -15.20 23.97 -4.07
C TYR B 122 -14.12 24.90 -4.60
N GLU B 123 -13.08 24.31 -5.20
CA GLU B 123 -11.89 25.09 -5.59
C GLU B 123 -12.25 26.08 -6.71
N GLU B 124 -13.18 25.67 -7.57
CA GLU B 124 -13.74 26.58 -8.56
C GLU B 124 -14.55 27.77 -8.01
N GLU B 125 -15.30 27.55 -6.94
CA GLU B 125 -16.16 28.58 -6.38
C GLU B 125 -15.52 29.49 -5.35
N TYR B 126 -14.55 28.94 -4.61
CA TYR B 126 -13.98 29.63 -3.49
C TYR B 126 -12.47 29.73 -3.59
N GLY B 127 -11.91 30.52 -2.70
CA GLY B 127 -10.45 30.61 -2.60
C GLY B 127 -9.87 29.25 -2.28
N GLU B 128 -8.68 28.99 -2.78
CA GLU B 128 -8.02 27.69 -2.65
C GLU B 128 -8.06 27.26 -1.16
N LYS B 129 -8.33 25.99 -0.90
CA LYS B 129 -8.34 25.47 0.47
C LYS B 129 -7.72 24.07 0.49
N GLN B 130 -6.97 23.75 1.55
CA GLN B 130 -6.43 22.42 1.72
C GLN B 130 -7.55 21.39 2.04
N ILE B 131 -7.89 20.58 1.05
CA ILE B 131 -8.93 19.55 1.15
C ILE B 131 -8.36 18.25 0.57
N HIS B 132 -8.45 17.15 1.31
CA HIS B 132 -8.04 15.87 0.78
C HIS B 132 -9.08 14.84 1.05
N VAL B 133 -9.44 14.08 0.02
CA VAL B 133 -10.41 12.98 0.12
C VAL B 133 -9.70 11.65 0.15
N PHE B 134 -9.91 10.90 1.23
CA PHE B 134 -9.41 9.55 1.32
C PHE B 134 -10.46 8.51 0.91
N ASN B 135 -10.14 7.71 -0.10
CA ASN B 135 -10.83 6.49 -0.42
C ASN B 135 -10.44 5.46 0.63
N SER B 136 -11.35 5.09 1.52
CA SER B 136 -11.00 4.19 2.60
C SER B 136 -10.64 2.79 2.05
N ARG B 137 -11.16 2.44 0.87
CA ARG B 137 -11.14 1.05 0.38
C ARG B 137 -11.78 0.07 1.38
N SER B 138 -12.80 0.56 2.09
CA SER B 138 -13.36 -0.15 3.22
C SER B 138 -14.80 0.38 3.44
N ALA B 139 -15.33 0.17 4.65
CA ALA B 139 -16.65 0.63 5.03
C ALA B 139 -16.68 0.64 6.55
N SER B 140 -17.73 1.23 7.09
CA SER B 140 -18.05 1.09 8.52
C SER B 140 -16.82 1.57 9.35
N VAL B 141 -16.36 0.76 10.29
CA VAL B 141 -15.31 1.17 11.17
C VAL B 141 -13.94 1.30 10.50
N GLY B 142 -13.81 0.83 9.25
CA GLY B 142 -12.63 1.12 8.42
C GLY B 142 -12.47 2.64 8.29
N GLU B 143 -13.60 3.31 8.00
CA GLU B 143 -13.64 4.75 7.88
C GLU B 143 -13.38 5.43 9.23
N THR B 144 -14.00 4.89 10.27
CA THR B 144 -13.81 5.40 11.61
C THR B 144 -12.32 5.42 12.00
N LEU B 145 -11.60 4.33 11.74
CA LEU B 145 -10.19 4.24 12.13
C LEU B 145 -9.32 5.17 11.33
N ILE B 146 -9.68 5.38 10.05
CA ILE B 146 -8.95 6.33 9.23
C ILE B 146 -9.15 7.74 9.80
N ALA B 147 -10.36 8.07 10.20
CA ALA B 147 -10.64 9.37 10.77
C ALA B 147 -9.82 9.58 12.03
N LEU B 148 -9.73 8.53 12.85
CA LEU B 148 -8.92 8.58 14.05
C LEU B 148 -7.43 8.75 13.72
N LYS B 149 -6.98 8.08 12.66
CA LYS B 149 -5.59 8.20 12.23
C LYS B 149 -5.27 9.63 11.78
N VAL B 150 -6.19 10.28 11.09
CA VAL B 150 -6.02 11.70 10.76
C VAL B 150 -5.81 12.55 12.00
N GLN B 151 -6.68 12.36 12.99
CA GLN B 151 -6.59 13.14 14.23
C GLN B 151 -5.23 12.89 14.88
N GLN B 152 -4.84 11.64 14.98
CA GLN B 152 -3.52 11.27 15.54
C GLN B 152 -2.34 11.97 14.79
N CYS B 153 -2.35 11.99 13.47
CA CYS B 153 -1.30 12.67 12.72
C CYS B 153 -1.29 14.18 12.98
N GLU B 154 -2.47 14.78 13.03
CA GLU B 154 -2.59 16.20 13.33
C GLU B 154 -2.06 16.51 14.76
N LYS B 155 -2.44 15.66 15.70
CA LYS B 155 -1.95 15.79 17.07
C LYS B 155 -0.43 15.66 17.15
N ALA B 156 0.20 14.85 16.29
CA ALA B 156 1.68 14.73 16.23
C ALA B 156 2.38 15.93 15.56
N GLY B 157 1.61 16.90 15.10
CA GLY B 157 2.14 18.11 14.48
C GLY B 157 2.49 17.99 13.01
N THR B 159 2.46 18.38 9.00
CA THR B 159 1.85 19.23 7.99
C THR B 159 0.73 18.50 7.26
N PHE B 160 -0.06 19.29 6.54
CA PHE B 160 -1.17 18.75 5.75
C PHE B 160 -0.71 17.64 4.81
N GLU B 161 0.33 17.90 4.01
CA GLU B 161 0.86 16.86 3.15
C GLU B 161 1.47 15.64 3.88
N GLU B 162 2.05 15.83 5.07
CA GLU B 162 2.53 14.72 5.86
C GLU B 162 1.37 13.88 6.39
N VAL B 163 0.30 14.52 6.84
CA VAL B 163 -0.88 13.80 7.27
C VAL B 163 -1.41 12.95 6.11
N VAL B 164 -1.57 13.54 4.95
CA VAL B 164 -2.14 12.85 3.84
C VAL B 164 -1.32 11.58 3.49
N GLU B 165 0.00 11.75 3.48
CA GLU B 165 0.93 10.68 3.12
C GLU B 165 0.86 9.58 4.19
N SER B 166 0.86 9.92 5.47
CA SER B 166 0.82 8.87 6.50
C SER B 166 -0.49 8.14 6.59
N VAL B 167 -1.60 8.85 6.37
CA VAL B 167 -2.91 8.21 6.37
C VAL B 167 -3.09 7.25 5.18
N GLU B 168 -2.61 7.65 4.01
CA GLU B 168 -2.67 6.81 2.85
C GLU B 168 -1.86 5.51 3.06
N CYS B 169 -0.70 5.61 3.73
CA CYS B 169 0.06 4.42 4.10
C CYS B 169 -0.72 3.54 5.06
N TYR B 170 -1.37 4.14 6.05
CA TYR B 170 -2.23 3.39 6.95
C TYR B 170 -3.33 2.66 6.19
N ILE B 171 -4.01 3.36 5.25
CA ILE B 171 -5.07 2.74 4.48
C ILE B 171 -4.59 1.45 3.78
N GLU B 172 -3.41 1.52 3.18
CA GLU B 172 -2.85 0.37 2.47
C GLU B 172 -2.56 -0.84 3.44
N GLU B 173 -2.26 -0.54 4.70
CA GLU B 173 -2.06 -1.56 5.73
C GLU B 173 -3.35 -2.07 6.35
N GLN B 174 -4.44 -1.30 6.23
CA GLN B 174 -5.68 -1.62 6.91
C GLN B 174 -6.45 -2.68 6.16
N HIS B 175 -6.93 -3.72 6.87
CA HIS B 175 -7.70 -4.77 6.25
C HIS B 175 -9.06 -4.86 6.90
N THR B 176 -10.07 -5.29 6.13
CA THR B 176 -11.44 -5.46 6.63
C THR B 176 -11.91 -6.91 6.47
N TYR B 177 -12.69 -7.37 7.45
CA TYR B 177 -13.24 -8.69 7.47
C TYR B 177 -14.65 -8.61 8.03
N PHE B 178 -15.51 -9.52 7.61
CA PHE B 178 -16.83 -9.60 8.17
C PHE B 178 -17.52 -10.94 7.95
N VAL B 179 -18.45 -11.23 8.84
CA VAL B 179 -19.31 -12.42 8.76
C VAL B 179 -20.71 -11.93 8.99
N LEU B 180 -21.62 -12.26 8.07
CA LEU B 180 -23.01 -11.85 8.17
C LEU B 180 -23.89 -13.07 8.31
N GLU B 181 -25.07 -12.86 8.86
CA GLU B 181 -26.14 -13.84 8.78
C GLU B 181 -26.82 -13.74 7.45
N ASN B 182 -26.89 -12.53 6.91
CA ASN B 182 -27.66 -12.32 5.68
C ASN B 182 -26.92 -11.44 4.68
N LEU B 183 -26.40 -12.09 3.63
CA LEU B 183 -25.63 -11.47 2.57
C LEU B 183 -26.49 -10.91 1.42
N ASP B 184 -27.80 -11.08 1.50
CA ASP B 184 -28.67 -10.77 0.35
C ASP B 184 -28.67 -9.32 -0.08
N THR B 185 -28.53 -8.38 0.86
CA THR B 185 -28.63 -6.97 0.49
C THR B 185 -27.39 -6.57 -0.31
N LEU B 186 -26.22 -6.99 0.16
CA LEU B 186 -24.97 -6.81 -0.62
C LEU B 186 -25.06 -7.49 -2.02
N ARG B 187 -25.55 -8.73 -2.04
CA ARG B 187 -25.71 -9.48 -3.32
C ARG B 187 -26.66 -8.79 -4.27
N LYS B 188 -27.86 -8.52 -3.81
CA LYS B 188 -28.89 -7.90 -4.65
C LYS B 188 -28.50 -6.51 -5.15
N ASN B 189 -27.74 -5.74 -4.39
CA ASN B 189 -27.37 -4.39 -4.83
C ASN B 189 -26.07 -4.36 -5.59
N GLY B 190 -25.54 -5.52 -5.97
CA GLY B 190 -24.37 -5.59 -6.86
C GLY B 190 -23.02 -5.41 -6.17
N ARG B 191 -22.94 -5.65 -4.86
CA ARG B 191 -21.69 -5.40 -4.15
C ARG B 191 -20.78 -6.63 -3.98
N LEU B 192 -21.24 -7.80 -4.43
CA LEU B 192 -20.48 -9.07 -4.31
C LEU B 192 -20.16 -9.65 -5.67
N THR B 193 -19.93 -8.81 -6.66
CA THR B 193 -19.85 -9.29 -8.02
C THR B 193 -18.76 -10.36 -8.17
N GLY B 194 -17.63 -10.23 -7.50
CA GLY B 194 -16.64 -11.33 -7.58
C GLY B 194 -17.16 -12.79 -7.39
N ILE B 195 -18.11 -12.96 -6.49
CA ILE B 195 -18.06 -14.06 -5.56
C ILE B 195 -19.14 -15.04 -5.82
N LYS B 196 -18.75 -16.30 -6.04
CA LYS B 196 -19.74 -17.35 -6.21
C LYS B 196 -20.53 -17.46 -4.92
N SER B 197 -21.83 -17.65 -5.08
CA SER B 197 -22.75 -17.84 -3.98
C SER B 197 -22.65 -19.28 -3.49
N LEU B 198 -22.90 -19.54 -2.21
CA LEU B 198 -22.93 -20.92 -1.71
C LEU B 198 -24.33 -21.41 -1.23
N VAL B 199 -24.63 -22.68 -1.57
CA VAL B 199 -25.98 -23.25 -1.44
C VAL B 199 -26.42 -23.35 0.03
N ALA B 200 -27.66 -22.96 0.33
CA ALA B 200 -28.17 -22.92 1.71
C ALA B 200 -28.88 -24.22 2.08
N LEU B 203 -26.07 -26.86 4.72
CA LEU B 203 -26.52 -26.96 6.12
C LEU B 203 -26.52 -25.59 6.86
N ASN B 204 -25.33 -25.09 7.26
CA ASN B 204 -25.17 -23.76 7.89
C ASN B 204 -23.73 -23.17 7.69
N ILE B 205 -23.22 -23.30 6.47
CA ILE B 205 -21.96 -22.71 6.05
C ILE B 205 -22.08 -21.17 6.06
N LYS B 206 -21.11 -20.52 6.70
CA LYS B 206 -21.01 -19.07 6.73
C LYS B 206 -19.69 -18.67 6.05
N PRO B 207 -19.77 -17.86 4.97
CA PRO B 207 -18.52 -17.33 4.40
C PRO B 207 -17.88 -16.28 5.30
N ILE B 208 -16.55 -16.26 5.36
CA ILE B 208 -15.84 -15.21 6.01
C ILE B 208 -15.43 -14.30 4.85
N GLY B 210 -14.19 -10.39 3.21
CA GLY B 210 -13.22 -9.36 3.45
C GLY B 210 -12.96 -8.43 2.30
N SER B 211 -12.20 -7.38 2.61
CA SER B 211 -11.68 -6.43 1.64
C SER B 211 -10.54 -7.03 0.86
N THR B 212 -10.40 -6.56 -0.39
CA THR B 212 -9.18 -6.72 -1.15
C THR B 212 -8.47 -5.36 -1.11
N PRO B 213 -7.18 -5.31 -1.51
CA PRO B 213 -6.45 -4.06 -1.45
C PRO B 213 -7.09 -3.00 -2.33
N GLN B 214 -7.84 -3.43 -3.34
CA GLN B 214 -8.52 -2.51 -4.26
C GLN B 214 -9.78 -1.89 -3.67
N GLY B 215 -10.29 -2.51 -2.61
CA GLY B 215 -11.52 -2.03 -1.97
C GLY B 215 -12.76 -2.78 -2.41
N THR B 216 -12.60 -3.95 -3.03
CA THR B 216 -13.74 -4.80 -3.37
C THR B 216 -13.88 -5.81 -2.25
N ILE B 217 -14.94 -6.60 -2.31
CA ILE B 217 -15.19 -7.65 -1.35
C ILE B 217 -14.77 -8.98 -1.98
N CYS B 218 -14.11 -9.83 -1.19
CA CYS B 218 -13.85 -11.22 -1.59
C CYS B 218 -14.23 -12.18 -0.48
N GLN B 219 -14.25 -13.49 -0.78
CA GLN B 219 -14.43 -14.45 0.26
C GLN B 219 -13.04 -14.90 0.73
N LYS B 220 -12.80 -14.86 2.03
CA LYS B 220 -11.51 -15.25 2.59
C LYS B 220 -11.54 -16.71 3.04
N GLU B 221 -12.67 -17.18 3.51
CA GLU B 221 -12.73 -18.49 4.08
C GLU B 221 -14.19 -18.84 4.23
N LYS B 222 -14.48 -20.05 4.67
CA LYS B 222 -15.81 -20.45 5.05
C LYS B 222 -15.78 -21.44 6.21
N ALA B 223 -16.88 -21.52 6.96
CA ALA B 223 -16.96 -22.39 8.15
C ALA B 223 -18.38 -22.88 8.38
N ARG B 224 -18.51 -24.00 9.09
CA ARG B 224 -19.79 -24.60 9.45
C ARG B 224 -20.28 -23.93 10.71
N GLY B 225 -21.23 -23.01 10.58
CA GLY B 225 -21.81 -22.38 11.75
C GLY B 225 -21.04 -21.13 12.13
N LYS B 227 -20.06 -19.90 15.27
CA LYS B 227 -18.97 -20.02 16.23
C LYS B 227 -17.65 -20.35 15.49
N LYS B 228 -17.68 -21.32 14.58
CA LYS B 228 -16.46 -21.64 13.83
C LYS B 228 -16.10 -20.55 12.87
N ALA B 229 -17.10 -19.87 12.32
CA ALA B 229 -16.82 -18.77 11.37
C ALA B 229 -16.07 -17.64 12.07
N LEU B 230 -16.46 -17.31 13.29
CA LEU B 230 -15.79 -16.23 14.03
C LEU B 230 -14.35 -16.59 14.37
N VAL B 231 -14.11 -17.86 14.67
CA VAL B 231 -12.74 -18.32 14.87
C VAL B 231 -11.91 -18.18 13.60
N LYS B 232 -12.45 -18.57 12.46
CA LYS B 232 -11.70 -18.44 11.20
C LYS B 232 -11.47 -16.99 10.80
N ALA B 234 -11.16 -14.52 13.00
CA ALA B 234 -10.08 -14.11 13.89
C ALA B 234 -8.68 -14.62 13.41
N ASP B 235 -8.62 -15.85 12.86
CA ASP B 235 -7.40 -16.36 12.26
C ASP B 235 -6.95 -15.49 11.10
N CYS B 236 -7.88 -15.11 10.22
CA CYS B 236 -7.55 -14.26 9.07
C CYS B 236 -7.00 -12.91 9.50
N VAL B 237 -7.63 -12.30 10.49
CA VAL B 237 -7.21 -10.98 10.97
C VAL B 237 -5.79 -11.11 11.48
N ALA B 238 -5.55 -12.16 12.27
CA ALA B 238 -4.22 -12.36 12.85
C ALA B 238 -3.11 -12.60 11.80
N ALA B 239 -3.46 -13.30 10.74
CA ALA B 239 -2.50 -13.65 9.71
C ALA B 239 -2.03 -12.43 8.92
N ASP B 240 -2.85 -11.37 8.83
CA ASP B 240 -2.51 -10.24 7.98
C ASP B 240 -1.95 -9.04 8.71
N VAL B 241 -2.14 -8.95 10.04
CA VAL B 241 -1.91 -7.69 10.76
C VAL B 241 -0.42 -7.49 10.97
N VAL B 242 0.04 -6.25 10.81
CA VAL B 242 1.43 -5.87 11.09
C VAL B 242 1.42 -4.85 12.21
N ASN B 243 2.33 -4.97 13.19
CA ASN B 243 2.42 -4.00 14.27
C ASN B 243 1.08 -3.73 15.00
N ALA B 244 0.37 -4.81 15.32
CA ALA B 244 -0.90 -4.76 16.06
C ALA B 244 -0.75 -3.98 17.33
N GLY B 245 0.41 -4.08 17.94
CA GLY B 245 0.67 -3.38 19.23
C GLY B 245 0.47 -1.87 19.28
N ASP B 246 0.66 -1.20 18.16
CA ASP B 246 0.47 0.24 18.07
C ASP B 246 -0.85 0.62 17.39
N LYS B 247 -1.69 -0.36 17.11
CA LYS B 247 -2.90 -0.12 16.41
C LYS B 247 -4.18 -0.21 17.23
N ILE B 248 -5.20 0.48 16.75
CA ILE B 248 -6.52 0.37 17.34
C ILE B 248 -7.32 -0.61 16.48
N LEU B 249 -7.90 -1.63 17.11
CA LEU B 249 -8.82 -2.55 16.47
C LEU B 249 -10.30 -2.14 16.72
N ALA B 250 -11.09 -2.14 15.65
CA ALA B 250 -12.49 -1.75 15.74
C ALA B 250 -13.40 -2.91 15.34
N ILE B 251 -14.49 -3.10 16.10
CA ILE B 251 -15.53 -4.08 15.80
C ILE B 251 -16.86 -3.35 15.73
N ALA B 252 -17.53 -3.44 14.60
CA ALA B 252 -18.95 -3.01 14.46
C ALA B 252 -19.86 -4.24 14.41
N HIS B 253 -20.99 -4.17 15.13
CA HIS B 253 -21.97 -5.24 15.21
C HIS B 253 -23.35 -4.63 14.98
N CYS B 254 -24.18 -5.37 14.30
CA CYS B 254 -25.58 -5.00 14.07
C CYS B 254 -26.45 -5.84 14.97
N ASN B 255 -26.78 -5.28 16.14
CA ASN B 255 -27.70 -5.91 17.09
C ASN B 255 -27.21 -7.27 17.59
N CYS B 256 -25.91 -7.40 17.87
CA CYS B 256 -25.38 -8.61 18.46
C CYS B 256 -24.14 -8.29 19.30
N GLU B 257 -24.35 -7.55 20.38
CA GLU B 257 -23.24 -7.05 21.18
C GLU B 257 -22.43 -8.21 21.78
N GLU B 258 -23.11 -9.27 22.19
CA GLU B 258 -22.39 -10.40 22.78
C GLU B 258 -21.46 -11.08 21.79
N ARG B 259 -21.88 -11.15 20.53
CA ARG B 259 -21.05 -11.68 19.49
C ARG B 259 -19.82 -10.83 19.28
N ALA B 260 -19.98 -9.50 19.34
CA ALA B 260 -18.85 -8.61 19.19
C ALA B 260 -17.82 -8.85 20.32
N LYS B 261 -18.31 -9.03 21.54
CA LYS B 261 -17.44 -9.34 22.70
C LYS B 261 -16.72 -10.65 22.53
N GLU B 262 -17.38 -11.64 21.93
CA GLU B 262 -16.76 -12.91 21.66
C GLU B 262 -15.63 -12.78 20.63
N VAL B 263 -15.90 -12.07 19.54
CA VAL B 263 -14.87 -11.76 18.54
C VAL B 263 -13.69 -11.01 19.18
N GLN B 264 -13.96 -10.02 20.01
CA GLN B 264 -12.94 -9.29 20.68
C GLN B 264 -12.05 -10.26 21.54
N ARG B 265 -12.69 -11.18 22.25
CA ARG B 265 -11.95 -12.15 23.06
C ARG B 265 -11.09 -13.07 22.16
N LEU B 266 -11.63 -13.50 21.04
CA LEU B 266 -10.88 -14.38 20.16
C LEU B 266 -9.64 -13.69 19.60
N LEU B 267 -9.80 -12.44 19.21
CA LEU B 267 -8.69 -11.70 18.65
C LEU B 267 -7.57 -11.45 19.71
N LYS B 268 -7.98 -11.21 20.95
CA LYS B 268 -7.05 -10.92 22.01
C LYS B 268 -6.23 -12.20 22.34
N GLU B 269 -6.75 -13.38 22.05
CA GLU B 269 -5.99 -14.62 22.22
C GLU B 269 -4.91 -14.73 21.18
N ARG B 270 -5.04 -13.97 20.09
CA ARG B 270 -4.18 -14.07 18.94
C ARG B 270 -3.11 -12.98 18.84
N PHE B 271 -3.40 -11.78 19.29
CA PHE B 271 -2.40 -10.73 19.26
C PHE B 271 -2.85 -9.62 20.17
N ALA B 272 -1.92 -8.80 20.60
CA ALA B 272 -2.23 -7.73 21.48
C ALA B 272 -2.34 -6.43 20.65
N VAL B 273 -3.29 -5.56 20.99
CA VAL B 273 -3.49 -4.29 20.26
C VAL B 273 -3.27 -3.13 21.20
N LYS B 274 -3.09 -1.93 20.68
CA LYS B 274 -2.96 -0.79 21.56
C LYS B 274 -4.26 -0.54 22.31
N SER B 275 -5.38 -0.68 21.61
CA SER B 275 -6.70 -0.60 22.22
C SER B 275 -7.72 -1.11 21.21
N SER B 276 -8.94 -1.35 21.68
CA SER B 276 -9.99 -1.77 20.79
C SER B 276 -11.31 -1.16 21.24
N PHE B 277 -12.27 -1.05 20.32
CA PHE B 277 -13.60 -0.59 20.67
C PHE B 277 -14.65 -1.34 19.83
N ILE B 278 -15.85 -1.38 20.39
CA ILE B 278 -17.03 -1.96 19.79
C ILE B 278 -18.06 -0.86 19.56
N VAL B 279 -18.66 -0.83 18.38
CA VAL B 279 -19.72 0.18 18.06
C VAL B 279 -20.89 -0.48 17.39
N ASP B 280 -22.07 0.12 17.55
CA ASP B 280 -23.24 -0.29 16.81
C ASP B 280 -23.10 0.23 15.39
N THR B 281 -23.55 -0.58 14.42
CA THR B 281 -23.53 -0.19 13.02
C THR B 281 -24.37 1.04 12.72
N SER B 282 -23.82 1.91 11.88
CA SER B 282 -24.54 3.08 11.34
C SER B 282 -25.72 2.63 10.51
N GLY B 283 -26.48 3.59 10.00
CA GLY B 283 -27.58 3.25 9.12
C GLY B 283 -27.20 2.47 7.88
N ILE B 284 -26.21 2.96 7.14
CA ILE B 284 -25.76 2.27 5.96
C ILE B 284 -25.12 0.91 6.31
N SER B 285 -24.34 0.87 7.37
CA SER B 285 -23.71 -0.41 7.72
C SER B 285 -24.79 -1.43 8.11
N THR B 286 -25.82 -0.99 8.81
CA THR B 286 -26.97 -1.85 9.15
C THR B 286 -27.70 -2.42 7.94
N VAL B 287 -27.97 -1.55 6.96
CA VAL B 287 -28.64 -1.97 5.77
C VAL B 287 -27.90 -3.10 5.05
N TYR B 288 -26.57 -3.03 5.02
CA TYR B 288 -25.83 -3.96 4.26
C TYR B 288 -25.30 -5.16 5.10
N ALA B 289 -25.07 -4.93 6.38
CA ALA B 289 -24.58 -6.02 7.28
C ALA B 289 -25.73 -6.95 7.73
N ASN B 290 -26.91 -6.34 7.90
CA ASN B 290 -28.10 -6.95 8.43
C ASN B 290 -28.00 -7.41 9.90
N ASP B 291 -29.15 -7.71 10.46
CA ASP B 291 -29.25 -8.31 11.80
C ASP B 291 -28.23 -9.45 11.98
N GLY B 292 -27.42 -9.36 13.00
CA GLY B 292 -26.45 -10.41 13.32
C GLY B 292 -25.06 -10.24 12.71
N GLY B 293 -24.85 -9.21 11.90
CA GLY B 293 -23.56 -9.04 11.22
C GLY B 293 -22.45 -8.50 12.10
N ILE B 294 -21.22 -8.91 11.77
CA ILE B 294 -20.02 -8.50 12.49
C ILE B 294 -18.96 -8.05 11.51
N ILE B 295 -18.35 -6.88 11.77
CA ILE B 295 -17.30 -6.32 10.95
C ILE B 295 -16.09 -6.01 11.85
N VAL B 296 -14.89 -6.45 11.43
CA VAL B 296 -13.66 -6.20 12.16
C VAL B 296 -12.64 -5.53 11.23
N VAL B 297 -12.03 -4.47 11.75
CA VAL B 297 -10.96 -3.80 11.06
C VAL B 297 -9.82 -3.52 12.01
N VAL B 298 -8.60 -3.70 11.53
CA VAL B 298 -7.40 -3.25 12.20
C VAL B 298 -6.37 -2.93 11.10
#